data_7G8A
#
_entry.id   7G8A
#
_cell.length_a   71.341
_cell.length_b   71.341
_cell.length_c   196.493
_cell.angle_alpha   90.000
_cell.angle_beta   90.000
_cell.angle_gamma   90.000
#
_symmetry.space_group_name_H-M   'P 43 21 2'
#
loop_
_entity.id
_entity.type
_entity.pdbx_description
1 polymer 'Transforming protein RhoA'
2 polymer 'Rho guanine nucleotide exchange factor 2'
3 non-polymer 2-bromo-4-fluoro-N,N-dimethylbenzamide
4 non-polymer 'DIMETHYL SULFOXIDE'
5 non-polymer 'FORMIC ACID'
6 water water
#
loop_
_entity_poly.entity_id
_entity_poly.type
_entity_poly.pdbx_seq_one_letter_code
_entity_poly.pdbx_strand_id
1 'polypeptide(L)'
;SMAAIRKKLVIVGDGACGKTCLLIVFSKDQFPEVYVPTVFENYVADIEVDGKQVELALWDTAGQEDYDRLRPLSYPDTDV
ILMCFSIDSPDSLENIPEKWTPEVKHFCPNVPIILVGNKKDLRNDEHTRRELAKMKQEPVKPEEGRDMANRIGAFGYMEC
SAKTKDGVREVFEMATRAALQARRG
;
A
2 'polypeptide(L)'
;SMEMDEKDFAADSWSLAVDSSFLQQHKKEVMKQQDVIYELIQTELHHVRTLKIMTRLFRTGMLEELHLEPGVVQGLFPCV
DELSDIHTRFLSQLLERRRQALCPGSTRNFVIHRLGDLLISQFSGPSAEQMCKTYSEFCSRHSKALKLYKELYARDKRFQ
QFIRKVTRPAVLKRHGVQECILLVTQRITKYPLLISRILQHSHGIEEERQDLTTALGLVKELLSNVDEGIYQLEKGARLQ
EIYNR
;
B
#
loop_
_chem_comp.id
_chem_comp.type
_chem_comp.name
_chem_comp.formula
DMS non-polymer 'DIMETHYL SULFOXIDE' 'C2 H6 O S'
FMT non-polymer 'FORMIC ACID' 'C H2 O2'
WJ7 non-polymer 2-bromo-4-fluoro-N,N-dimethylbenzamide 'C9 H9 Br F N O'
#
# COMPACT_ATOMS: atom_id res chain seq x y z
N ALA A 4 20.30 3.83 14.85
CA ALA A 4 18.85 3.63 14.86
C ALA A 4 18.50 2.22 14.40
N ILE A 5 17.79 1.47 15.24
CA ILE A 5 17.38 0.11 14.89
C ILE A 5 16.13 0.21 14.01
N ARG A 6 15.95 -0.74 13.09
CA ARG A 6 14.81 -0.75 12.19
C ARG A 6 13.71 -1.66 12.74
N LYS A 7 12.46 -1.17 12.78
CA LYS A 7 11.31 -1.96 13.25
C LYS A 7 10.18 -1.84 12.23
N LYS A 8 9.30 -2.83 12.18
CA LYS A 8 8.20 -2.82 11.21
C LYS A 8 6.84 -2.83 11.92
N LEU A 9 5.95 -1.94 11.48
CA LEU A 9 4.61 -1.82 12.04
C LEU A 9 3.62 -2.11 10.92
N VAL A 10 2.54 -2.87 11.22
CA VAL A 10 1.47 -3.11 10.26
C VAL A 10 0.16 -2.77 10.96
N ILE A 11 -0.77 -2.08 10.24
CA ILE A 11 -2.06 -1.75 10.81
CA ILE A 11 -2.07 -1.75 10.79
C ILE A 11 -3.11 -2.63 10.14
N VAL A 12 -3.98 -3.20 10.98
CA VAL A 12 -5.04 -4.09 10.51
CA VAL A 12 -5.00 -4.13 10.57
C VAL A 12 -6.38 -3.62 11.07
N GLY A 13 -7.46 -4.04 10.45
CA GLY A 13 -8.80 -3.66 10.86
C GLY A 13 -9.73 -3.60 9.65
N ASP A 14 -11.03 -3.46 9.91
CA ASP A 14 -12.01 -3.40 8.83
C ASP A 14 -11.81 -2.20 7.93
N GLY A 15 -12.34 -2.27 6.70
CA GLY A 15 -12.25 -1.17 5.76
C GLY A 15 -12.70 0.19 6.30
N ALA A 16 -13.69 0.23 7.22
CA ALA A 16 -14.16 1.52 7.76
C ALA A 16 -13.49 1.97 9.08
N CYS A 17 -12.39 1.33 9.48
CA CYS A 17 -11.77 1.63 10.76
C CYS A 17 -10.92 2.91 10.77
N GLY A 18 -10.58 3.46 9.61
CA GLY A 18 -9.76 4.68 9.53
C GLY A 18 -8.25 4.46 9.59
N LYS A 19 -7.79 3.21 9.33
CA LYS A 19 -6.35 2.93 9.37
CA LYS A 19 -6.35 2.92 9.38
C LYS A 19 -5.55 3.75 8.38
N THR A 20 -6.08 3.93 7.14
CA THR A 20 -5.30 4.67 6.13
C THR A 20 -5.10 6.13 6.57
N CYS A 21 -6.18 6.75 7.03
CA CYS A 21 -6.14 8.13 7.48
CA CYS A 21 -6.13 8.13 7.47
C CYS A 21 -5.16 8.30 8.64
N LEU A 22 -5.17 7.34 9.56
CA LEU A 22 -4.26 7.39 10.71
C LEU A 22 -2.78 7.41 10.27
N LEU A 23 -2.42 6.51 9.31
CA LEU A 23 -1.03 6.49 8.83
C LEU A 23 -0.70 7.80 8.08
N ILE A 24 -1.65 8.33 7.30
CA ILE A 24 -1.39 9.57 6.56
C ILE A 24 -1.12 10.74 7.53
N VAL A 25 -2.00 10.89 8.52
CA VAL A 25 -1.87 12.00 9.48
C VAL A 25 -0.58 11.91 10.28
N PHE A 26 -0.21 10.69 10.73
CA PHE A 26 1.04 10.56 11.49
C PHE A 26 2.26 10.91 10.60
N SER A 27 2.30 10.35 9.36
CA SER A 27 3.46 10.51 8.50
C SER A 27 3.67 11.95 8.02
N LYS A 28 2.61 12.75 7.95
CA LYS A 28 2.74 14.16 7.55
C LYS A 28 2.71 15.12 8.78
N ASP A 29 2.36 14.62 9.99
CA ASP A 29 2.11 15.41 11.21
C ASP A 29 1.07 16.51 10.90
N GLN A 30 0.04 16.14 10.12
CA GLN A 30 -0.96 17.11 9.67
C GLN A 30 -2.16 16.38 9.09
N PHE A 31 -3.39 16.89 9.33
CA PHE A 31 -4.56 16.36 8.63
C PHE A 31 -4.57 17.18 7.31
N PRO A 32 -4.47 16.53 6.15
CA PRO A 32 -4.41 17.29 4.88
C PRO A 32 -5.46 18.37 4.71
N GLU A 33 -5.03 19.57 4.38
CA GLU A 33 -5.95 20.70 4.23
C GLU A 33 -6.59 20.81 2.86
N VAL A 34 -6.00 20.18 1.84
CA VAL A 34 -6.50 20.33 0.47
C VAL A 34 -7.04 18.99 -0.08
N TYR A 35 -6.28 17.91 0.09
CA TYR A 35 -6.69 16.63 -0.46
C TYR A 35 -6.27 15.52 0.47
N VAL A 36 -7.21 14.66 0.88
CA VAL A 36 -6.88 13.52 1.71
C VAL A 36 -6.62 12.33 0.77
N PRO A 37 -5.40 11.80 0.76
CA PRO A 37 -5.09 10.67 -0.15
C PRO A 37 -6.01 9.46 0.03
N THR A 38 -6.31 8.76 -1.07
CA THR A 38 -7.11 7.56 -1.01
C THR A 38 -6.28 6.39 -0.47
N VAL A 39 -4.96 6.35 -0.85
CA VAL A 39 -4.13 5.20 -0.46
C VAL A 39 -2.84 5.67 0.24
N PHE A 40 -2.17 4.72 0.90
CA PHE A 40 -0.92 4.95 1.59
C PHE A 40 0.07 3.89 1.04
N GLU A 41 1.26 4.32 0.54
CA GLU A 41 2.22 3.37 -0.05
C GLU A 41 3.02 2.71 1.11
N ASN A 42 3.98 3.45 1.66
CA ASN A 42 4.71 3.07 2.89
C ASN A 42 5.41 4.33 3.40
N TYR A 43 6.09 4.23 4.54
CA TYR A 43 6.80 5.37 5.10
C TYR A 43 7.77 4.82 6.12
N VAL A 44 8.88 5.49 6.33
CA VAL A 44 9.82 5.08 7.38
C VAL A 44 9.98 6.30 8.28
N ALA A 45 9.34 6.24 9.48
CA ALA A 45 9.37 7.36 10.43
C ALA A 45 10.60 7.32 11.33
N ASP A 46 11.21 8.49 11.59
CA ASP A 46 12.32 8.56 12.54
C ASP A 46 11.67 8.94 13.87
N ILE A 47 11.73 8.04 14.85
CA ILE A 47 11.09 8.24 16.15
CA ILE A 47 11.12 8.32 16.14
C ILE A 47 12.11 8.06 17.25
N GLU A 48 12.10 8.91 18.27
CA GLU A 48 12.96 8.72 19.43
CA GLU A 48 12.96 8.74 19.42
C GLU A 48 12.01 8.58 20.60
N VAL A 49 12.04 7.42 21.27
CA VAL A 49 11.11 7.19 22.35
C VAL A 49 11.90 6.73 23.56
N ASP A 50 11.75 7.45 24.70
CA ASP A 50 12.47 7.11 25.92
C ASP A 50 14.00 7.01 25.70
N GLY A 51 14.53 7.92 24.89
CA GLY A 51 15.95 7.99 24.61
C GLY A 51 16.47 7.03 23.56
N LYS A 52 15.60 6.21 22.95
CA LYS A 52 16.05 5.25 21.93
C LYS A 52 15.62 5.68 20.53
N GLN A 53 16.56 5.69 19.56
CA GLN A 53 16.22 6.07 18.19
CA GLN A 53 16.24 6.08 18.20
C GLN A 53 15.84 4.86 17.36
N VAL A 54 14.69 4.94 16.67
CA VAL A 54 14.20 3.85 15.83
C VAL A 54 13.76 4.37 14.45
N GLU A 55 14.00 3.57 13.38
CA GLU A 55 13.41 3.83 12.06
C GLU A 55 12.19 2.87 12.03
N LEU A 56 10.98 3.41 12.04
CA LEU A 56 9.77 2.58 12.11
C LEU A 56 9.09 2.56 10.76
N ALA A 57 9.19 1.42 10.04
CA ALA A 57 8.53 1.30 8.74
C ALA A 57 7.04 1.06 8.97
N LEU A 58 6.19 1.81 8.25
CA LEU A 58 4.73 1.75 8.42
C LEU A 58 4.06 1.14 7.18
N TRP A 59 3.14 0.18 7.41
CA TRP A 59 2.41 -0.46 6.31
C TRP A 59 0.92 -0.54 6.61
N ASP A 60 0.10 -0.39 5.56
CA ASP A 60 -1.35 -0.46 5.61
C ASP A 60 -1.81 -1.80 4.97
N THR A 61 -2.93 -2.37 5.45
CA THR A 61 -3.51 -3.56 4.83
C THR A 61 -4.80 -3.19 4.06
N ALA A 62 -5.11 -1.87 3.90
CA ALA A 62 -6.32 -1.45 3.18
C ALA A 62 -6.30 -2.01 1.75
N GLY A 63 -7.44 -2.50 1.28
CA GLY A 63 -7.58 -3.12 -0.03
C GLY A 63 -7.35 -4.62 0.00
N GLN A 64 -6.71 -5.15 1.07
CA GLN A 64 -6.44 -6.61 1.14
C GLN A 64 -7.49 -7.40 1.95
N GLU A 65 -8.51 -6.72 2.49
CA GLU A 65 -9.49 -7.37 3.38
C GLU A 65 -10.23 -8.57 2.76
N ASP A 66 -10.47 -8.56 1.44
CA ASP A 66 -11.22 -9.66 0.80
C ASP A 66 -10.32 -10.76 0.18
N TYR A 67 -8.97 -10.61 0.29
CA TYR A 67 -8.00 -11.47 -0.40
C TYR A 67 -7.13 -12.20 0.61
N ASP A 68 -7.57 -13.41 1.02
CA ASP A 68 -6.94 -14.17 2.10
C ASP A 68 -5.54 -14.73 1.82
N ARG A 69 -5.12 -14.81 0.56
CA ARG A 69 -3.76 -15.26 0.23
C ARG A 69 -2.83 -14.09 -0.04
N LEU A 70 -3.38 -12.93 -0.49
CA LEU A 70 -2.53 -11.75 -0.68
C LEU A 70 -2.27 -11.08 0.67
N ARG A 71 -3.30 -10.95 1.52
CA ARG A 71 -3.19 -10.19 2.76
C ARG A 71 -2.05 -10.65 3.69
N PRO A 72 -1.87 -11.96 3.91
CA PRO A 72 -0.79 -12.39 4.82
C PRO A 72 0.61 -11.99 4.36
N LEU A 73 0.77 -11.68 3.06
CA LEU A 73 2.10 -11.24 2.58
C LEU A 73 2.56 -9.91 3.21
N SER A 74 1.64 -9.17 3.85
CA SER A 74 1.99 -7.95 4.55
C SER A 74 2.64 -8.25 5.93
N TYR A 75 2.46 -9.50 6.49
CA TYR A 75 2.88 -9.78 7.86
C TYR A 75 4.37 -10.19 8.12
N PRO A 76 5.15 -10.77 7.17
CA PRO A 76 6.52 -11.18 7.54
C PRO A 76 7.35 -10.15 8.30
N ASP A 77 7.97 -10.62 9.39
CA ASP A 77 8.87 -9.83 10.21
C ASP A 77 8.27 -8.58 10.80
N THR A 78 6.95 -8.60 11.06
CA THR A 78 6.31 -7.47 11.74
C THR A 78 6.78 -7.47 13.22
N ASP A 79 7.06 -6.28 13.76
CA ASP A 79 7.50 -6.10 15.16
C ASP A 79 6.38 -5.59 16.07
N VAL A 80 5.36 -4.92 15.51
CA VAL A 80 4.23 -4.43 16.30
C VAL A 80 3.01 -4.33 15.38
N ILE A 81 1.85 -4.74 15.91
CA ILE A 81 0.59 -4.61 15.18
C ILE A 81 -0.30 -3.53 15.79
N LEU A 82 -0.86 -2.62 14.99
CA LEU A 82 -1.92 -1.75 15.47
C LEU A 82 -3.21 -2.41 14.96
N MET A 83 -4.09 -2.80 15.86
CA MET A 83 -5.35 -3.44 15.47
CA MET A 83 -5.36 -3.47 15.55
C MET A 83 -6.43 -2.41 15.72
N CYS A 84 -6.98 -1.92 14.64
CA CYS A 84 -7.85 -0.78 14.65
CA CYS A 84 -7.90 -0.76 14.65
C CYS A 84 -9.36 -1.09 14.52
N PHE A 85 -10.18 -0.26 15.18
CA PHE A 85 -11.64 -0.24 15.04
C PHE A 85 -12.06 1.23 15.10
N SER A 86 -13.26 1.57 14.60
CA SER A 86 -13.73 2.93 14.69
C SER A 86 -14.73 3.04 15.84
N ILE A 87 -14.60 4.08 16.67
CA ILE A 87 -15.51 4.32 17.79
C ILE A 87 -16.96 4.60 17.30
N ASP A 88 -17.11 5.12 16.06
CA ASP A 88 -18.44 5.31 15.46
C ASP A 88 -19.00 4.00 14.83
N SER A 89 -18.35 2.85 15.06
CA SER A 89 -18.80 1.60 14.48
C SER A 89 -18.61 0.42 15.40
N PRO A 90 -19.61 0.14 16.27
CA PRO A 90 -19.53 -1.07 17.11
C PRO A 90 -19.34 -2.35 16.30
N ASP A 91 -19.79 -2.38 15.01
CA ASP A 91 -19.60 -3.54 14.12
C ASP A 91 -18.09 -3.78 13.86
N SER A 92 -17.30 -2.71 13.70
CA SER A 92 -15.86 -2.87 13.50
C SER A 92 -15.20 -3.48 14.76
N LEU A 93 -15.77 -3.20 15.96
CA LEU A 93 -15.21 -3.74 17.21
C LEU A 93 -15.57 -5.23 17.36
N GLU A 94 -16.77 -5.64 16.90
CA GLU A 94 -17.22 -7.03 16.98
C GLU A 94 -16.38 -7.99 16.10
N ASN A 95 -15.83 -7.50 15.00
CA ASN A 95 -14.98 -8.31 14.10
C ASN A 95 -13.53 -8.49 14.62
N ILE A 96 -13.16 -7.79 15.71
CA ILE A 96 -11.81 -7.91 16.25
C ILE A 96 -11.50 -9.32 16.82
N PRO A 97 -12.31 -9.86 17.76
CA PRO A 97 -11.87 -11.08 18.47
C PRO A 97 -11.82 -12.39 17.71
N GLU A 98 -12.71 -12.61 16.75
CA GLU A 98 -12.74 -13.90 16.07
C GLU A 98 -12.41 -13.84 14.58
N LYS A 99 -12.06 -12.66 14.03
CA LYS A 99 -11.57 -12.58 12.66
C LYS A 99 -10.12 -12.06 12.66
N TRP A 100 -9.92 -10.79 13.04
CA TRP A 100 -8.57 -10.21 13.01
C TRP A 100 -7.61 -10.80 14.02
N THR A 101 -8.07 -11.05 15.26
CA THR A 101 -7.15 -11.54 16.29
C THR A 101 -6.58 -12.93 15.95
N PRO A 102 -7.40 -13.94 15.59
CA PRO A 102 -6.80 -15.26 15.27
C PRO A 102 -5.85 -15.19 14.09
N GLU A 103 -6.13 -14.29 13.11
CA GLU A 103 -5.24 -14.20 11.95
C GLU A 103 -3.88 -13.63 12.36
N VAL A 104 -3.89 -12.53 13.14
CA VAL A 104 -2.64 -11.89 13.54
C VAL A 104 -1.86 -12.82 14.46
N LYS A 105 -2.54 -13.55 15.36
CA LYS A 105 -1.79 -14.45 16.24
C LYS A 105 -1.14 -15.61 15.48
N HIS A 106 -1.77 -16.05 14.38
CA HIS A 106 -1.26 -17.13 13.57
C HIS A 106 -0.01 -16.70 12.79
N PHE A 107 -0.10 -15.58 12.05
CA PHE A 107 1.00 -15.12 11.19
C PHE A 107 2.09 -14.31 11.92
N CYS A 108 1.75 -13.70 13.09
CA CYS A 108 2.67 -12.86 13.88
C CYS A 108 2.72 -13.35 15.33
N PRO A 109 3.15 -14.61 15.55
CA PRO A 109 3.16 -15.13 16.93
C PRO A 109 4.07 -14.32 17.82
N ASN A 110 3.58 -14.02 19.02
CA ASN A 110 4.32 -13.30 20.03
C ASN A 110 4.59 -11.83 19.68
N VAL A 111 3.94 -11.28 18.65
CA VAL A 111 4.13 -9.87 18.30
C VAL A 111 3.13 -9.07 19.12
N PRO A 112 3.55 -7.97 19.79
CA PRO A 112 2.57 -7.19 20.58
C PRO A 112 1.50 -6.55 19.70
N ILE A 113 0.25 -6.59 20.16
CA ILE A 113 -0.88 -5.96 19.51
C ILE A 113 -1.33 -4.79 20.36
N ILE A 114 -1.52 -3.63 19.76
CA ILE A 114 -2.13 -2.50 20.49
C ILE A 114 -3.49 -2.30 19.86
N LEU A 115 -4.59 -2.40 20.67
CA LEU A 115 -5.93 -2.19 20.12
C LEU A 115 -6.14 -0.67 20.14
N VAL A 116 -6.52 -0.09 18.98
CA VAL A 116 -6.67 1.34 18.85
C VAL A 116 -8.08 1.69 18.43
N GLY A 117 -8.73 2.51 19.25
CA GLY A 117 -10.06 3.04 18.92
C GLY A 117 -9.86 4.35 18.17
N ASN A 118 -10.16 4.35 16.84
CA ASN A 118 -10.02 5.52 15.98
CA ASN A 118 -9.98 5.57 16.04
C ASN A 118 -11.28 6.38 15.98
N LYS A 119 -11.21 7.63 15.44
CA LYS A 119 -12.35 8.52 15.32
C LYS A 119 -13.00 8.82 16.67
N LYS A 120 -12.17 9.00 17.72
CA LYS A 120 -12.72 9.26 19.06
C LYS A 120 -13.55 10.54 19.13
N ASP A 121 -13.29 11.49 18.20
CA ASP A 121 -14.02 12.77 18.10
C ASP A 121 -15.52 12.53 17.81
N LEU A 122 -15.88 11.35 17.26
CA LEU A 122 -17.29 11.06 16.92
C LEU A 122 -18.12 10.51 18.09
N ARG A 123 -17.48 10.23 19.22
CA ARG A 123 -18.17 9.70 20.39
C ARG A 123 -19.28 10.64 20.87
N ASN A 124 -19.07 11.96 20.74
CA ASN A 124 -20.04 12.97 21.13
C ASN A 124 -20.50 13.80 19.92
N ASP A 125 -20.61 13.16 18.76
CA ASP A 125 -21.07 13.81 17.54
C ASP A 125 -22.57 13.50 17.42
N GLU A 126 -23.41 14.54 17.30
CA GLU A 126 -24.86 14.33 17.27
C GLU A 126 -25.33 13.54 16.06
N HIS A 127 -24.77 13.81 14.87
CA HIS A 127 -25.13 13.06 13.67
C HIS A 127 -24.78 11.58 13.83
N THR A 128 -23.62 11.28 14.45
CA THR A 128 -23.22 9.89 14.65
C THR A 128 -24.20 9.18 15.60
N ARG A 129 -24.56 9.83 16.70
CA ARG A 129 -25.47 9.24 17.66
C ARG A 129 -26.86 8.98 17.09
N ARG A 130 -27.34 9.85 16.19
CA ARG A 130 -28.64 9.67 15.57
C ARG A 130 -28.61 8.50 14.59
N GLU A 131 -27.57 8.42 13.74
CA GLU A 131 -27.45 7.34 12.78
C GLU A 131 -27.34 5.96 13.43
N LEU A 132 -26.52 5.84 14.49
CA LEU A 132 -26.34 4.56 15.18
C LEU A 132 -27.60 4.09 15.92
N ALA A 133 -28.35 5.04 16.53
CA ALA A 133 -29.60 4.71 17.25
C ALA A 133 -30.66 4.02 16.38
N LYS A 134 -30.63 4.23 15.06
CA LYS A 134 -31.58 3.58 14.14
C LYS A 134 -31.32 2.06 14.06
N MET A 135 -30.08 1.60 14.35
CA MET A 135 -29.74 0.18 14.39
C MET A 135 -29.61 -0.35 15.82
N LYS A 136 -30.20 0.36 16.82
CA LYS A 136 -30.15 0.04 18.25
C LYS A 136 -28.69 0.01 18.74
N GLN A 137 -27.89 0.97 18.26
CA GLN A 137 -26.48 1.06 18.60
C GLN A 137 -26.10 2.43 19.19
N GLU A 138 -24.89 2.53 19.78
CA GLU A 138 -24.33 3.78 20.29
C GLU A 138 -22.80 3.77 20.09
N PRO A 139 -22.09 4.93 20.08
CA PRO A 139 -20.63 4.88 19.89
C PRO A 139 -19.96 4.01 20.96
N VAL A 140 -18.85 3.37 20.60
CA VAL A 140 -18.12 2.48 21.52
C VAL A 140 -17.69 3.27 22.75
N LYS A 141 -17.98 2.73 23.93
CA LYS A 141 -17.60 3.34 25.19
C LYS A 141 -16.11 2.99 25.50
N PRO A 142 -15.37 3.86 26.21
CA PRO A 142 -13.97 3.51 26.57
C PRO A 142 -13.82 2.14 27.27
N GLU A 143 -14.71 1.80 28.23
CA GLU A 143 -14.64 0.50 28.91
C GLU A 143 -14.86 -0.66 27.96
N GLU A 144 -15.68 -0.47 26.90
CA GLU A 144 -15.89 -1.55 25.94
C GLU A 144 -14.58 -1.79 25.14
N GLY A 145 -13.88 -0.71 24.82
CA GLY A 145 -12.61 -0.83 24.13
C GLY A 145 -11.56 -1.51 25.01
N ARG A 146 -11.42 -1.04 26.29
CA ARG A 146 -10.45 -1.64 27.21
C ARG A 146 -10.76 -3.13 27.43
N ASP A 147 -12.06 -3.46 27.63
CA ASP A 147 -12.42 -4.87 27.85
C ASP A 147 -12.07 -5.75 26.68
N MET A 148 -12.27 -5.24 25.45
CA MET A 148 -11.94 -6.06 24.26
C MET A 148 -10.42 -6.25 24.20
N ALA A 149 -9.65 -5.16 24.46
CA ALA A 149 -8.19 -5.26 24.46
C ALA A 149 -7.71 -6.30 25.49
N ASN A 150 -8.35 -6.30 26.67
CA ASN A 150 -7.97 -7.21 27.74
C ASN A 150 -8.23 -8.67 27.28
N ARG A 151 -9.45 -8.93 26.77
CA ARG A 151 -9.90 -10.25 26.31
C ARG A 151 -9.00 -10.85 25.20
N ILE A 152 -8.59 -10.00 24.24
CA ILE A 152 -7.78 -10.50 23.13
C ILE A 152 -6.28 -10.65 23.44
N GLY A 153 -5.84 -10.30 24.65
CA GLY A 153 -4.42 -10.42 24.99
C GLY A 153 -3.59 -9.27 24.40
N ALA A 154 -4.23 -8.10 24.19
CA ALA A 154 -3.49 -6.95 23.64
C ALA A 154 -2.44 -6.43 24.64
N PHE A 155 -1.33 -5.89 24.12
CA PHE A 155 -0.31 -5.24 24.94
C PHE A 155 -0.95 -4.02 25.68
N GLY A 156 -1.86 -3.32 25.00
CA GLY A 156 -2.54 -2.18 25.59
C GLY A 156 -3.67 -1.67 24.73
N TYR A 157 -4.41 -0.70 25.26
CA TYR A 157 -5.55 -0.08 24.58
C TYR A 157 -5.31 1.43 24.50
N MET A 158 -5.52 2.01 23.31
CA MET A 158 -5.34 3.46 23.15
C MET A 158 -6.43 4.00 22.25
N GLU A 159 -6.70 5.32 22.34
CA GLU A 159 -7.68 5.95 21.44
C GLU A 159 -7.04 7.16 20.74
N CYS A 160 -7.58 7.53 19.59
CA CYS A 160 -7.06 8.70 18.88
C CYS A 160 -8.07 9.24 17.91
N SER A 161 -7.77 10.44 17.38
CA SER A 161 -8.58 11.06 16.35
C SER A 161 -7.65 11.55 15.25
N ALA A 162 -7.70 10.92 14.06
CA ALA A 162 -6.85 11.40 12.95
C ALA A 162 -7.30 12.83 12.55
N LYS A 163 -8.60 13.14 12.64
CA LYS A 163 -9.14 14.45 12.28
C LYS A 163 -8.50 15.62 13.02
N THR A 164 -8.39 15.52 14.36
CA THR A 164 -7.81 16.57 15.22
C THR A 164 -6.34 16.33 15.59
N LYS A 165 -5.81 15.13 15.27
CA LYS A 165 -4.46 14.63 15.61
C LYS A 165 -4.32 14.22 17.09
N ASP A 166 -5.36 14.45 17.93
CA ASP A 166 -5.24 14.08 19.34
C ASP A 166 -4.98 12.58 19.54
N GLY A 167 -3.91 12.29 20.25
CA GLY A 167 -3.57 10.90 20.56
C GLY A 167 -2.76 10.18 19.51
N VAL A 168 -2.60 10.76 18.32
CA VAL A 168 -1.89 10.09 17.23
C VAL A 168 -0.42 9.90 17.53
N ARG A 169 0.29 10.97 17.95
CA ARG A 169 1.70 10.81 18.29
C ARG A 169 1.93 9.73 19.38
N GLU A 170 1.06 9.75 20.42
CA GLU A 170 1.18 8.81 21.53
C GLU A 170 1.03 7.36 21.08
N VAL A 171 0.10 7.09 20.12
CA VAL A 171 -0.08 5.73 19.61
C VAL A 171 1.23 5.21 18.97
N PHE A 172 1.85 6.04 18.08
CA PHE A 172 3.06 5.56 17.38
C PHE A 172 4.28 5.51 18.31
N GLU A 173 4.36 6.39 19.31
CA GLU A 173 5.48 6.31 20.27
C GLU A 173 5.32 5.02 21.09
N MET A 174 4.08 4.70 21.54
CA MET A 174 3.87 3.47 22.30
C MET A 174 4.15 2.26 21.40
N ALA A 175 3.69 2.28 20.13
CA ALA A 175 3.97 1.15 19.22
C ALA A 175 5.49 0.92 19.09
N THR A 176 6.27 2.01 19.07
CA THR A 176 7.73 1.89 18.98
C THR A 176 8.28 1.23 20.25
N ARG A 177 7.82 1.66 21.42
CA ARG A 177 8.23 1.04 22.69
C ARG A 177 7.88 -0.48 22.68
N ALA A 178 6.65 -0.83 22.22
CA ALA A 178 6.24 -2.25 22.18
C ALA A 178 7.14 -3.04 21.24
N ALA A 179 7.49 -2.44 20.07
CA ALA A 179 8.37 -3.10 19.09
C ALA A 179 9.79 -3.37 19.66
N LEU A 180 10.24 -2.51 20.59
CA LEU A 180 11.57 -2.64 21.20
C LEU A 180 11.65 -3.68 22.31
N GLN A 181 10.50 -4.06 22.91
CA GLN A 181 10.53 -5.01 24.04
C GLN A 181 10.92 -6.43 23.64
N ALA A 182 11.53 -7.18 24.59
CA ALA A 182 11.95 -8.56 24.36
C ALA A 182 10.73 -9.47 24.21
N SER B 1 12.52 7.76 -11.96
CA SER B 1 11.63 8.56 -12.80
CA SER B 1 11.64 8.54 -12.83
C SER B 1 12.40 9.66 -13.55
N MET B 2 11.83 10.15 -14.66
CA MET B 2 12.46 11.23 -15.40
C MET B 2 11.93 12.57 -14.87
N GLU B 3 12.77 13.61 -14.92
CA GLU B 3 12.47 14.92 -14.36
C GLU B 3 11.15 15.54 -14.84
N MET B 4 10.85 15.41 -16.16
CA MET B 4 9.61 15.97 -16.70
CA MET B 4 9.62 15.92 -16.76
C MET B 4 8.38 15.42 -15.96
N ASP B 5 8.33 14.10 -15.75
CA ASP B 5 7.17 13.50 -15.08
C ASP B 5 7.18 13.76 -13.60
N GLU B 6 8.37 13.78 -12.97
CA GLU B 6 8.46 14.08 -11.52
C GLU B 6 7.90 15.47 -11.23
N LYS B 7 8.28 16.44 -12.05
CA LYS B 7 7.80 17.81 -11.85
C LYS B 7 6.29 17.91 -12.11
N ASP B 8 5.80 17.19 -13.13
CA ASP B 8 4.35 17.23 -13.43
C ASP B 8 3.51 16.63 -12.28
N PHE B 9 4.11 15.71 -11.50
CA PHE B 9 3.40 15.07 -10.39
C PHE B 9 4.05 15.41 -9.03
N ALA B 10 4.70 16.57 -8.93
CA ALA B 10 5.34 16.98 -7.65
C ALA B 10 4.30 17.45 -6.62
N ALA B 11 3.22 18.10 -7.11
CA ALA B 11 2.21 18.66 -6.18
C ALA B 11 1.42 17.59 -5.45
N ASP B 12 0.91 17.92 -4.25
CA ASP B 12 0.13 16.94 -3.47
C ASP B 12 -1.23 16.64 -4.11
N SER B 13 -1.70 17.47 -5.05
CA SER B 13 -3.01 17.23 -5.68
C SER B 13 -3.07 17.87 -7.08
N TRP B 14 -4.10 17.48 -7.87
CA TRP B 14 -4.31 18.11 -9.18
C TRP B 14 -4.62 19.62 -8.94
N SER B 15 -5.41 19.94 -7.88
CA SER B 15 -5.78 21.34 -7.61
CA SER B 15 -5.79 21.34 -7.59
C SER B 15 -4.58 22.22 -7.30
N LEU B 16 -3.49 21.63 -6.78
CA LEU B 16 -2.24 22.38 -6.50
C LEU B 16 -1.26 22.29 -7.69
N ALA B 17 -1.47 21.32 -8.63
CA ALA B 17 -0.60 21.17 -9.82
C ALA B 17 -0.94 22.17 -10.93
N VAL B 18 -2.23 22.41 -11.16
CA VAL B 18 -2.67 23.32 -12.22
C VAL B 18 -2.55 24.79 -11.79
N ASP B 19 -2.57 25.73 -12.77
CA ASP B 19 -2.54 27.16 -12.43
C ASP B 19 -3.81 27.51 -11.67
N SER B 20 -3.72 28.39 -10.64
CA SER B 20 -4.96 28.77 -9.91
C SER B 20 -6.03 29.38 -10.82
N SER B 21 -5.63 30.11 -11.88
CA SER B 21 -6.61 30.69 -12.81
C SER B 21 -7.35 29.62 -13.64
N PHE B 22 -6.72 28.44 -13.84
CA PHE B 22 -7.36 27.34 -14.56
C PHE B 22 -8.26 26.59 -13.58
N LEU B 23 -7.79 26.35 -12.34
CA LEU B 23 -8.58 25.68 -11.30
C LEU B 23 -9.92 26.40 -11.09
N GLN B 24 -9.88 27.74 -11.04
CA GLN B 24 -11.09 28.52 -10.79
C GLN B 24 -12.12 28.42 -11.91
N GLN B 25 -11.77 27.88 -13.07
CA GLN B 25 -12.73 27.69 -14.17
C GLN B 25 -13.60 26.43 -14.02
N HIS B 26 -13.29 25.55 -13.05
CA HIS B 26 -14.01 24.28 -12.94
C HIS B 26 -14.89 24.19 -11.71
N LYS B 27 -15.92 23.38 -11.82
CA LYS B 27 -16.80 23.12 -10.70
C LYS B 27 -16.09 22.20 -9.70
N LYS B 28 -16.55 22.26 -8.44
CA LYS B 28 -16.01 21.46 -7.34
C LYS B 28 -15.99 19.96 -7.69
N GLU B 29 -17.09 19.45 -8.30
CA GLU B 29 -17.15 18.02 -8.61
C GLU B 29 -16.04 17.58 -9.59
N VAL B 30 -15.73 18.45 -10.57
CA VAL B 30 -14.66 18.16 -11.52
C VAL B 30 -13.33 18.15 -10.80
N MET B 31 -13.09 19.14 -9.91
CA MET B 31 -11.85 19.18 -9.15
CA MET B 31 -11.86 19.19 -9.11
C MET B 31 -11.69 17.88 -8.31
N LYS B 32 -12.77 17.40 -7.65
CA LYS B 32 -12.68 16.18 -6.84
C LYS B 32 -12.34 14.96 -7.71
N GLN B 33 -12.99 14.85 -8.89
CA GLN B 33 -12.69 13.73 -9.79
C GLN B 33 -11.20 13.82 -10.24
N GLN B 34 -10.76 15.01 -10.66
CA GLN B 34 -9.37 15.16 -11.17
C GLN B 34 -8.31 14.91 -10.11
N ASP B 35 -8.59 15.29 -8.85
CA ASP B 35 -7.63 15.03 -7.76
C ASP B 35 -7.41 13.48 -7.61
N VAL B 36 -8.50 12.67 -7.74
CA VAL B 36 -8.31 11.21 -7.55
C VAL B 36 -7.60 10.60 -8.77
N ILE B 37 -7.95 11.08 -10.01
CA ILE B 37 -7.25 10.55 -11.20
C ILE B 37 -5.74 10.90 -11.09
N TYR B 38 -5.44 12.12 -10.63
CA TYR B 38 -4.04 12.56 -10.43
C TYR B 38 -3.34 11.62 -9.43
N GLU B 39 -4.02 11.24 -8.33
CA GLU B 39 -3.41 10.29 -7.37
C GLU B 39 -3.17 8.92 -8.01
N LEU B 40 -4.10 8.43 -8.87
CA LEU B 40 -3.89 7.13 -9.52
C LEU B 40 -2.57 7.22 -10.41
N ILE B 41 -2.46 8.30 -11.20
CA ILE B 41 -1.28 8.41 -12.10
C ILE B 41 -0.01 8.62 -11.30
N GLN B 42 -0.06 9.49 -10.29
CA GLN B 42 1.12 9.78 -9.45
C GLN B 42 1.59 8.49 -8.76
N THR B 43 0.66 7.71 -8.16
CA THR B 43 1.08 6.46 -7.49
C THR B 43 1.57 5.41 -8.52
N GLU B 44 1.02 5.46 -9.76
CA GLU B 44 1.51 4.54 -10.79
C GLU B 44 2.96 4.93 -11.19
N LEU B 45 3.22 6.25 -11.34
CA LEU B 45 4.59 6.72 -11.63
C LEU B 45 5.58 6.22 -10.53
N HIS B 46 5.16 6.31 -9.25
CA HIS B 46 6.03 5.85 -8.14
C HIS B 46 6.21 4.32 -8.17
N HIS B 47 5.17 3.60 -8.58
CA HIS B 47 5.23 2.12 -8.66
C HIS B 47 6.22 1.70 -9.75
N VAL B 48 6.18 2.40 -10.92
CA VAL B 48 7.13 2.07 -11.99
C VAL B 48 8.57 2.42 -11.50
N ARG B 49 8.71 3.51 -10.72
CA ARG B 49 10.00 3.88 -10.14
C ARG B 49 10.50 2.77 -9.18
N THR B 50 9.61 2.17 -8.33
CA THR B 50 9.99 1.06 -7.45
C THR B 50 10.53 -0.11 -8.30
N LEU B 51 9.85 -0.41 -9.41
CA LEU B 51 10.30 -1.50 -10.29
C LEU B 51 11.67 -1.16 -10.92
N LYS B 52 11.90 0.11 -11.27
CA LYS B 52 13.21 0.51 -11.85
C LYS B 52 14.31 0.37 -10.78
N ILE B 53 14.02 0.71 -9.51
CA ILE B 53 15.04 0.50 -8.44
C ILE B 53 15.39 -1.02 -8.36
N MET B 54 14.36 -1.86 -8.40
CA MET B 54 14.59 -3.32 -8.35
C MET B 54 15.40 -3.81 -9.56
N THR B 55 15.06 -3.38 -10.79
CA THR B 55 15.78 -3.89 -11.98
C THR B 55 17.14 -3.25 -12.16
N ARG B 56 17.19 -1.91 -12.09
CA ARG B 56 18.43 -1.19 -12.40
C ARG B 56 19.39 -1.06 -11.24
N LEU B 57 18.90 -0.68 -10.06
CA LEU B 57 19.81 -0.46 -8.93
C LEU B 57 20.24 -1.79 -8.30
N PHE B 58 19.24 -2.61 -7.91
CA PHE B 58 19.57 -3.85 -7.21
C PHE B 58 19.99 -5.00 -8.14
N ARG B 59 19.08 -5.46 -8.99
CA ARG B 59 19.32 -6.64 -9.82
C ARG B 59 20.57 -6.48 -10.69
N THR B 60 20.62 -5.41 -11.48
CA THR B 60 21.75 -5.20 -12.38
C THR B 60 23.05 -4.88 -11.60
N GLY B 61 22.94 -4.20 -10.46
CA GLY B 61 24.12 -3.94 -9.64
C GLY B 61 24.71 -5.22 -9.09
N MET B 62 23.84 -6.17 -8.66
CA MET B 62 24.32 -7.47 -8.15
C MET B 62 24.99 -8.27 -9.26
N LEU B 63 24.40 -8.24 -10.46
CA LEU B 63 25.00 -8.99 -11.58
C LEU B 63 26.36 -8.39 -11.99
N GLU B 64 26.48 -7.07 -11.95
CA GLU B 64 27.71 -6.41 -12.42
C GLU B 64 28.84 -6.27 -11.40
N GLU B 65 28.52 -6.29 -10.07
N GLU B 65 28.52 -5.90 -10.17
CA GLU B 65 29.49 -6.18 -8.97
CA GLU B 65 29.55 -5.63 -9.18
C GLU B 65 29.76 -7.46 -8.15
C GLU B 65 29.85 -6.81 -8.27
N LEU B 66 28.74 -8.30 -7.91
N LEU B 66 28.88 -7.71 -8.08
CA LEU B 66 28.89 -9.46 -7.02
CA LEU B 66 29.09 -8.88 -7.25
C LEU B 66 29.11 -10.82 -7.72
C LEU B 66 29.30 -10.16 -8.06
N HIS B 67 29.55 -11.83 -6.95
N HIS B 67 28.94 -10.15 -9.37
CA HIS B 67 29.79 -13.19 -7.43
CA HIS B 67 29.00 -11.32 -10.25
C HIS B 67 28.73 -14.12 -6.82
C HIS B 67 28.16 -12.48 -9.70
N LEU B 68 27.45 -13.89 -7.14
N LEU B 68 27.02 -12.16 -9.09
CA LEU B 68 26.38 -14.73 -6.59
CA LEU B 68 26.13 -13.17 -8.54
C LEU B 68 26.23 -16.04 -7.37
C LEU B 68 25.54 -14.00 -9.67
N GLU B 69 25.75 -17.08 -6.71
N GLU B 69 25.30 -15.28 -9.39
CA GLU B 69 25.52 -18.37 -7.36
CA GLU B 69 24.72 -16.22 -10.34
C GLU B 69 24.40 -18.25 -8.41
C GLU B 69 23.31 -15.75 -10.71
N PRO B 70 24.44 -19.00 -9.53
N PRO B 70 22.97 -15.78 -12.01
CA PRO B 70 23.36 -18.87 -10.54
CA PRO B 70 21.63 -15.34 -12.44
C PRO B 70 21.96 -19.12 -9.96
C PRO B 70 20.47 -15.98 -11.69
N GLY B 71 20.98 -18.36 -10.42
N GLY B 71 20.60 -17.26 -11.33
CA GLY B 71 19.61 -18.47 -9.93
CA GLY B 71 19.55 -17.96 -10.59
C GLY B 71 19.32 -17.69 -8.65
C GLY B 71 19.33 -17.40 -9.19
N VAL B 72 20.35 -17.09 -8.05
N VAL B 72 20.41 -16.98 -8.51
CA VAL B 72 20.17 -16.30 -6.83
CA VAL B 72 20.30 -16.40 -7.17
C VAL B 72 19.50 -14.95 -7.15
C VAL B 72 19.56 -15.06 -7.25
N VAL B 73 19.97 -14.21 -8.19
CA VAL B 73 19.37 -12.91 -8.50
C VAL B 73 17.90 -13.05 -8.95
N GLN B 74 17.61 -14.10 -9.74
CA GLN B 74 16.22 -14.36 -10.16
CA GLN B 74 16.23 -14.40 -10.18
C GLN B 74 15.34 -14.71 -8.96
N GLY B 75 15.91 -15.38 -7.95
CA GLY B 75 15.19 -15.74 -6.73
C GLY B 75 14.88 -14.51 -5.88
N LEU B 76 15.78 -13.49 -5.91
CA LEU B 76 15.55 -12.28 -5.12
C LEU B 76 14.52 -11.39 -5.81
N PHE B 77 14.55 -11.33 -7.16
CA PHE B 77 13.72 -10.44 -7.95
C PHE B 77 12.88 -11.20 -8.98
N PRO B 78 11.96 -12.07 -8.54
CA PRO B 78 11.16 -12.84 -9.51
C PRO B 78 10.28 -11.94 -10.37
N CYS B 79 10.19 -12.23 -11.68
CA CYS B 79 9.25 -11.56 -12.60
C CYS B 79 9.46 -10.06 -12.77
N VAL B 80 10.56 -9.48 -12.29
CA VAL B 80 10.67 -8.00 -12.32
CA VAL B 80 10.69 -8.02 -12.31
C VAL B 80 10.68 -7.41 -13.73
N ASP B 81 11.27 -8.12 -14.73
CA ASP B 81 11.25 -7.54 -16.09
C ASP B 81 9.82 -7.54 -16.64
N GLU B 82 9.05 -8.62 -16.39
CA GLU B 82 7.66 -8.71 -16.85
CA GLU B 82 7.67 -8.68 -16.87
C GLU B 82 6.81 -7.64 -16.16
N LEU B 83 7.00 -7.46 -14.85
CA LEU B 83 6.22 -6.46 -14.09
C LEU B 83 6.56 -5.05 -14.62
N SER B 84 7.86 -4.81 -14.90
CA SER B 84 8.27 -3.50 -15.43
C SER B 84 7.61 -3.25 -16.79
N ASP B 85 7.57 -4.26 -17.67
CA ASP B 85 6.94 -4.09 -18.99
C ASP B 85 5.43 -3.79 -18.85
N ILE B 86 4.73 -4.55 -17.98
CA ILE B 86 3.29 -4.31 -17.79
C ILE B 86 3.01 -2.84 -17.34
N HIS B 87 3.70 -2.41 -16.27
CA HIS B 87 3.37 -1.12 -15.68
C HIS B 87 3.96 0.04 -16.42
N THR B 88 5.13 -0.12 -17.09
CA THR B 88 5.67 1.00 -17.88
C THR B 88 4.70 1.27 -19.07
N ARG B 89 4.14 0.20 -19.67
CA ARG B 89 3.18 0.39 -20.75
C ARG B 89 1.91 1.08 -20.23
N PHE B 90 1.39 0.65 -19.07
CA PHE B 90 0.17 1.25 -18.53
C PHE B 90 0.42 2.73 -18.20
N LEU B 91 1.57 3.01 -17.55
CA LEU B 91 1.94 4.40 -17.21
C LEU B 91 2.05 5.24 -18.49
N SER B 92 2.62 4.66 -19.57
CA SER B 92 2.75 5.40 -20.83
CA SER B 92 2.75 5.40 -20.83
C SER B 92 1.37 5.82 -21.34
N GLN B 93 0.38 4.93 -21.25
CA GLN B 93 -0.98 5.26 -21.72
C GLN B 93 -1.62 6.35 -20.84
N LEU B 94 -1.41 6.25 -19.50
CA LEU B 94 -2.00 7.26 -18.60
C LEU B 94 -1.41 8.64 -18.90
N LEU B 95 -0.06 8.71 -19.04
CA LEU B 95 0.64 9.96 -19.29
C LEU B 95 0.30 10.52 -20.67
N GLU B 96 0.05 9.64 -21.67
CA GLU B 96 -0.35 10.16 -22.99
C GLU B 96 -1.78 10.75 -22.95
N ARG B 97 -2.70 10.15 -22.15
CA ARG B 97 -4.05 10.70 -22.01
C ARG B 97 -3.97 12.11 -21.38
N ARG B 98 -3.09 12.28 -20.39
CA ARG B 98 -2.91 13.59 -19.76
C ARG B 98 -2.29 14.57 -20.78
N ARG B 99 -1.25 14.13 -21.50
CA ARG B 99 -0.57 15.02 -22.43
CA ARG B 99 -0.55 14.97 -22.47
C ARG B 99 -1.52 15.51 -23.54
N GLN B 100 -2.35 14.61 -24.10
CA GLN B 100 -3.32 15.02 -25.13
C GLN B 100 -4.33 16.03 -24.58
N ALA B 101 -4.65 15.95 -23.28
CA ALA B 101 -5.65 16.83 -22.68
C ALA B 101 -5.09 18.24 -22.29
N LEU B 102 -3.76 18.46 -22.45
CA LEU B 102 -3.20 19.77 -22.05
C LEU B 102 -3.76 20.89 -22.89
N CYS B 103 -3.98 22.07 -22.28
CA CYS B 103 -4.37 23.24 -23.06
C CYS B 103 -3.18 23.70 -23.86
N PRO B 104 -3.39 24.20 -25.08
CA PRO B 104 -2.25 24.77 -25.84
C PRO B 104 -1.62 25.91 -25.06
N GLY B 105 -0.30 25.94 -25.06
CA GLY B 105 0.45 26.93 -24.29
C GLY B 105 0.70 26.52 -22.85
N SER B 106 0.21 25.33 -22.42
CA SER B 106 0.43 24.89 -21.06
C SER B 106 1.07 23.51 -20.99
N THR B 107 1.93 23.30 -19.99
CA THR B 107 2.46 21.95 -19.74
C THR B 107 1.87 21.42 -18.40
N ARG B 108 0.87 22.12 -17.79
CA ARG B 108 0.30 21.63 -16.54
C ARG B 108 -1.22 21.65 -16.44
N ASN B 109 -1.90 22.44 -17.28
CA ASN B 109 -3.37 22.55 -17.21
C ASN B 109 -4.09 21.56 -18.13
N PHE B 110 -4.80 20.59 -17.53
CA PHE B 110 -5.55 19.58 -18.26
C PHE B 110 -6.71 19.05 -17.39
N VAL B 111 -7.68 18.42 -18.06
CA VAL B 111 -8.76 17.67 -17.43
C VAL B 111 -8.87 16.33 -18.20
N ILE B 112 -8.85 15.20 -17.49
CA ILE B 112 -9.05 13.90 -18.14
C ILE B 112 -10.53 13.52 -17.91
N HIS B 113 -11.30 13.51 -18.99
CA HIS B 113 -12.74 13.18 -18.88
C HIS B 113 -13.04 11.69 -19.17
N ARG B 114 -12.11 10.96 -19.84
N ARG B 114 -12.13 11.05 -19.89
CA ARG B 114 -12.40 9.60 -20.33
CA ARG B 114 -12.25 9.70 -20.31
C ARG B 114 -11.47 8.44 -19.85
C ARG B 114 -11.05 8.95 -19.77
N LEU B 115 -11.15 8.41 -18.58
N LEU B 115 -11.27 8.22 -18.70
CA LEU B 115 -10.30 7.37 -18.03
CA LEU B 115 -10.30 7.34 -18.07
C LEU B 115 -10.86 5.93 -18.11
C LEU B 115 -10.86 5.92 -18.10
N GLY B 116 -12.17 5.76 -17.91
CA GLY B 116 -12.80 4.44 -17.88
C GLY B 116 -12.41 3.49 -19.01
N ASP B 117 -12.40 3.99 -20.25
CA ASP B 117 -12.05 3.15 -21.40
CA ASP B 117 -12.06 3.16 -21.40
C ASP B 117 -10.62 2.63 -21.30
N LEU B 118 -9.71 3.47 -20.82
CA LEU B 118 -8.30 3.10 -20.67
C LEU B 118 -8.20 1.99 -19.62
N LEU B 119 -8.94 2.14 -18.50
CA LEU B 119 -8.89 1.10 -17.45
C LEU B 119 -9.53 -0.22 -17.91
N ILE B 120 -10.63 -0.17 -18.72
CA ILE B 120 -11.21 -1.41 -19.25
C ILE B 120 -10.18 -2.11 -20.14
N SER B 121 -9.47 -1.35 -20.97
CA SER B 121 -8.47 -1.93 -21.87
CA SER B 121 -8.46 -1.92 -21.86
C SER B 121 -7.35 -2.58 -21.04
N GLN B 122 -6.83 -1.87 -20.02
CA GLN B 122 -5.76 -2.44 -19.19
C GLN B 122 -6.18 -3.75 -18.49
N PHE B 123 -7.38 -3.78 -17.95
CA PHE B 123 -7.85 -4.88 -17.14
C PHE B 123 -8.74 -5.90 -17.89
N SER B 124 -8.58 -6.00 -19.22
CA SER B 124 -9.28 -7.02 -20.03
C SER B 124 -8.33 -7.54 -21.12
N GLY B 125 -8.72 -8.63 -21.79
CA GLY B 125 -7.91 -9.19 -22.87
C GLY B 125 -6.53 -9.67 -22.46
N PRO B 126 -5.59 -9.73 -23.43
CA PRO B 126 -4.25 -10.25 -23.14
C PRO B 126 -3.47 -9.49 -22.06
N SER B 127 -3.66 -8.15 -21.91
CA SER B 127 -2.92 -7.46 -20.86
C SER B 127 -3.41 -7.94 -19.48
N ALA B 128 -4.73 -8.21 -19.31
CA ALA B 128 -5.21 -8.72 -18.01
C ALA B 128 -4.69 -10.14 -17.76
N GLU B 129 -4.65 -10.99 -18.81
CA GLU B 129 -4.13 -12.36 -18.65
C GLU B 129 -2.66 -12.32 -18.25
N GLN B 130 -1.87 -11.39 -18.83
CA GLN B 130 -0.46 -11.26 -18.46
CA GLN B 130 -0.46 -11.20 -18.50
C GLN B 130 -0.33 -10.74 -17.03
N MET B 131 -1.18 -9.76 -16.62
CA MET B 131 -1.12 -9.29 -15.22
C MET B 131 -1.43 -10.44 -14.25
N CYS B 132 -2.47 -11.22 -14.56
CA CYS B 132 -2.85 -12.33 -13.69
C CYS B 132 -1.73 -13.38 -13.61
N LYS B 133 -1.15 -13.75 -14.78
CA LYS B 133 -0.09 -14.76 -14.77
C LYS B 133 1.14 -14.26 -13.97
N THR B 134 1.53 -12.99 -14.21
CA THR B 134 2.72 -12.43 -13.59
C THR B 134 2.55 -12.24 -12.08
N TYR B 135 1.40 -11.65 -11.63
CA TYR B 135 1.21 -11.49 -10.17
C TYR B 135 1.00 -12.83 -9.45
N SER B 136 0.36 -13.83 -10.11
CA SER B 136 0.20 -15.15 -9.43
C SER B 136 1.61 -15.76 -9.19
N GLU B 137 2.53 -15.59 -10.16
CA GLU B 137 3.89 -16.09 -10.05
CA GLU B 137 3.89 -16.11 -9.99
C GLU B 137 4.67 -15.27 -8.99
N PHE B 138 4.64 -13.91 -9.12
CA PHE B 138 5.39 -13.04 -8.21
C PHE B 138 4.96 -13.24 -6.76
N CYS B 139 3.65 -13.17 -6.51
CA CYS B 139 3.17 -13.26 -5.13
C CYS B 139 3.40 -14.65 -4.52
N SER B 140 3.43 -15.70 -5.38
CA SER B 140 3.76 -17.05 -4.85
C SER B 140 5.25 -17.21 -4.51
N ARG B 141 6.10 -16.32 -5.02
CA ARG B 141 7.55 -16.37 -4.78
C ARG B 141 8.05 -15.30 -3.79
N HIS B 142 7.11 -14.57 -3.19
CA HIS B 142 7.37 -13.42 -2.33
C HIS B 142 8.09 -13.88 -1.04
N SER B 143 7.53 -14.87 -0.30
CA SER B 143 8.17 -15.33 0.93
CA SER B 143 8.16 -15.33 0.94
C SER B 143 9.58 -15.87 0.69
N LYS B 144 9.76 -16.61 -0.42
CA LYS B 144 11.05 -17.19 -0.77
C LYS B 144 12.06 -16.08 -1.06
N ALA B 145 11.62 -15.02 -1.76
CA ALA B 145 12.56 -13.91 -2.07
C ALA B 145 13.06 -13.24 -0.76
N LEU B 146 12.12 -13.03 0.21
CA LEU B 146 12.50 -12.39 1.48
C LEU B 146 13.49 -13.25 2.28
N LYS B 147 13.27 -14.56 2.29
CA LYS B 147 14.15 -15.48 3.02
C LYS B 147 15.52 -15.55 2.39
N LEU B 148 15.57 -15.54 1.04
CA LEU B 148 16.84 -15.57 0.33
C LEU B 148 17.64 -14.29 0.61
N TYR B 149 16.94 -13.14 0.62
CA TYR B 149 17.59 -11.85 0.90
C TYR B 149 18.20 -11.86 2.31
N LYS B 150 17.43 -12.30 3.31
CA LYS B 150 17.90 -12.29 4.68
C LYS B 150 19.12 -13.20 4.87
N GLU B 151 19.12 -14.36 4.21
CA GLU B 151 20.25 -15.29 4.31
CA GLU B 151 20.26 -15.30 4.30
C GLU B 151 21.53 -14.67 3.70
N LEU B 152 21.40 -14.08 2.51
CA LEU B 152 22.56 -13.45 1.86
C LEU B 152 23.10 -12.26 2.66
N TYR B 153 22.19 -11.41 3.20
CA TYR B 153 22.64 -10.23 3.96
C TYR B 153 23.38 -10.65 5.25
N ALA B 154 22.95 -11.77 5.87
CA ALA B 154 23.57 -12.18 7.12
C ALA B 154 24.86 -12.96 6.93
N ARG B 155 25.06 -13.62 5.77
CA ARG B 155 26.23 -14.47 5.58
CA ARG B 155 26.19 -14.52 5.52
C ARG B 155 27.26 -14.03 4.54
N ASP B 156 26.89 -13.13 3.60
CA ASP B 156 27.82 -12.69 2.56
C ASP B 156 28.23 -11.23 2.75
N LYS B 157 29.52 -11.01 3.12
CA LYS B 157 30.09 -9.70 3.41
C LYS B 157 29.99 -8.74 2.23
N ARG B 158 30.38 -9.19 1.02
CA ARG B 158 30.31 -8.34 -0.15
C ARG B 158 28.84 -7.95 -0.46
N PHE B 159 27.90 -8.86 -0.21
CA PHE B 159 26.46 -8.59 -0.45
C PHE B 159 25.95 -7.54 0.54
N GLN B 160 26.33 -7.69 1.82
CA GLN B 160 25.94 -6.73 2.85
C GLN B 160 26.51 -5.33 2.53
N GLN B 161 27.80 -5.27 2.10
CA GLN B 161 28.41 -3.98 1.76
C GLN B 161 27.69 -3.35 0.57
N PHE B 162 27.36 -4.17 -0.45
CA PHE B 162 26.64 -3.67 -1.62
C PHE B 162 25.27 -3.05 -1.22
N ILE B 163 24.50 -3.76 -0.40
CA ILE B 163 23.17 -3.28 0.01
C ILE B 163 23.29 -1.99 0.81
N ARG B 164 24.22 -1.98 1.78
CA ARG B 164 24.41 -0.80 2.61
C ARG B 164 24.86 0.40 1.74
N LYS B 165 25.65 0.16 0.68
CA LYS B 165 26.12 1.22 -0.19
C LYS B 165 25.00 1.84 -1.01
N VAL B 166 24.24 0.98 -1.71
CA VAL B 166 23.23 1.52 -2.65
C VAL B 166 21.96 2.01 -1.96
N THR B 167 21.71 1.57 -0.70
CA THR B 167 20.55 2.04 0.05
C THR B 167 20.89 3.17 1.03
N ARG B 168 22.16 3.63 1.08
CA ARG B 168 22.54 4.73 1.96
C ARG B 168 21.87 6.08 1.62
N PRO B 169 21.71 6.45 0.32
CA PRO B 169 21.13 7.77 0.03
C PRO B 169 19.73 7.95 0.62
N ALA B 170 19.41 9.17 1.08
CA ALA B 170 18.09 9.42 1.67
C ALA B 170 16.93 9.10 0.73
N VAL B 171 17.12 9.25 -0.60
CA VAL B 171 16.02 8.96 -1.53
C VAL B 171 15.65 7.47 -1.56
N LEU B 172 16.51 6.57 -1.03
CA LEU B 172 16.20 5.12 -0.96
C LEU B 172 15.61 4.72 0.43
N LYS B 173 15.31 5.70 1.29
CA LYS B 173 14.88 5.41 2.67
C LYS B 173 13.74 4.41 2.78
N ARG B 174 12.75 4.51 1.87
CA ARG B 174 11.55 3.64 1.90
C ARG B 174 11.70 2.42 0.96
N HIS B 175 12.84 2.27 0.27
CA HIS B 175 13.00 1.33 -0.81
C HIS B 175 14.15 0.34 -0.70
N GLY B 176 14.30 -0.27 0.48
CA GLY B 176 15.19 -1.42 0.59
C GLY B 176 14.60 -2.60 -0.20
N VAL B 177 15.36 -3.71 -0.29
CA VAL B 177 14.91 -4.85 -1.11
C VAL B 177 13.55 -5.40 -0.63
N GLN B 178 13.42 -5.65 0.68
CA GLN B 178 12.17 -6.22 1.20
C GLN B 178 10.99 -5.25 1.04
N GLU B 179 11.24 -3.95 1.23
CA GLU B 179 10.25 -2.90 1.10
C GLU B 179 9.76 -2.84 -0.33
N CYS B 180 10.67 -2.96 -1.33
CA CYS B 180 10.28 -2.95 -2.72
C CYS B 180 9.34 -4.13 -3.03
N ILE B 181 9.71 -5.33 -2.54
CA ILE B 181 8.88 -6.52 -2.81
C ILE B 181 7.45 -6.33 -2.28
N LEU B 182 7.31 -5.82 -1.03
CA LEU B 182 5.96 -5.66 -0.48
C LEU B 182 5.20 -4.48 -1.17
N LEU B 183 5.94 -3.43 -1.59
CA LEU B 183 5.27 -2.33 -2.34
C LEU B 183 4.65 -2.88 -3.65
N VAL B 184 5.35 -3.82 -4.29
CA VAL B 184 4.86 -4.38 -5.56
C VAL B 184 3.66 -5.30 -5.29
N THR B 185 3.77 -6.20 -4.30
CA THR B 185 2.63 -7.06 -3.95
C THR B 185 1.38 -6.25 -3.55
N GLN B 186 1.58 -5.13 -2.82
CA GLN B 186 0.42 -4.33 -2.40
C GLN B 186 -0.16 -3.46 -3.51
N ARG B 187 0.58 -3.27 -4.63
CA ARG B 187 0.08 -2.32 -5.65
C ARG B 187 -1.29 -2.72 -6.20
N ILE B 188 -1.44 -4.02 -6.53
CA ILE B 188 -2.65 -4.46 -7.21
C ILE B 188 -3.93 -4.25 -6.39
N THR B 189 -3.81 -4.34 -5.05
CA THR B 189 -4.99 -4.12 -4.21
C THR B 189 -5.27 -2.62 -3.95
N LYS B 190 -4.42 -1.68 -4.45
CA LYS B 190 -4.76 -0.26 -4.32
C LYS B 190 -5.77 0.11 -5.44
N TYR B 191 -5.74 -0.58 -6.60
CA TYR B 191 -6.57 -0.17 -7.74
C TYR B 191 -8.07 -0.03 -7.43
N PRO B 192 -8.72 -1.00 -6.76
CA PRO B 192 -10.18 -0.86 -6.52
C PRO B 192 -10.51 0.37 -5.69
N LEU B 193 -9.65 0.70 -4.70
CA LEU B 193 -9.88 1.85 -3.82
CA LEU B 193 -9.95 1.86 -3.85
C LEU B 193 -9.85 3.16 -4.66
N LEU B 194 -8.84 3.26 -5.54
CA LEU B 194 -8.69 4.47 -6.36
C LEU B 194 -9.85 4.56 -7.38
N ILE B 195 -10.14 3.45 -8.08
CA ILE B 195 -11.19 3.44 -9.10
C ILE B 195 -12.57 3.74 -8.50
N SER B 196 -12.89 3.16 -7.32
CA SER B 196 -14.18 3.42 -6.69
CA SER B 196 -14.19 3.43 -6.70
CA SER B 196 -14.18 3.43 -6.68
C SER B 196 -14.33 4.92 -6.34
N ARG B 197 -13.22 5.55 -5.87
CA ARG B 197 -13.31 6.97 -5.52
C ARG B 197 -13.41 7.84 -6.79
N ILE B 198 -12.73 7.45 -7.89
CA ILE B 198 -12.90 8.21 -9.16
C ILE B 198 -14.39 8.07 -9.62
N LEU B 199 -14.92 6.84 -9.54
CA LEU B 199 -16.30 6.55 -9.94
C LEU B 199 -17.30 7.41 -9.13
N GLN B 200 -17.07 7.57 -7.83
CA GLN B 200 -17.91 8.41 -6.97
C GLN B 200 -18.07 9.86 -7.51
N HIS B 201 -17.04 10.37 -8.20
CA HIS B 201 -17.06 11.73 -8.73
C HIS B 201 -17.18 11.76 -10.26
N SER B 202 -17.68 10.67 -10.87
CA SER B 202 -17.79 10.61 -12.33
C SER B 202 -19.22 10.37 -12.81
N HIS B 203 -20.23 10.85 -12.07
CA HIS B 203 -21.62 10.63 -12.47
C HIS B 203 -22.14 11.60 -13.55
N GLY B 204 -21.40 12.69 -13.79
CA GLY B 204 -21.82 13.73 -14.73
C GLY B 204 -22.04 13.26 -16.14
N ILE B 205 -21.24 12.27 -16.58
CA ILE B 205 -21.40 11.71 -17.91
CA ILE B 205 -21.40 11.71 -17.92
C ILE B 205 -21.74 10.23 -17.73
N GLU B 206 -22.97 9.83 -18.09
CA GLU B 206 -23.39 8.44 -17.86
C GLU B 206 -22.48 7.39 -18.52
N GLU B 207 -21.99 7.67 -19.76
CA GLU B 207 -21.06 6.70 -20.38
C GLU B 207 -19.78 6.52 -19.54
N GLU B 208 -19.35 7.56 -18.83
CA GLU B 208 -18.13 7.48 -18.00
C GLU B 208 -18.39 6.70 -16.74
N ARG B 209 -19.55 6.94 -16.10
CA ARG B 209 -19.96 6.19 -14.92
C ARG B 209 -20.05 4.69 -15.27
N GLN B 210 -20.67 4.36 -16.43
CA GLN B 210 -20.76 2.96 -16.84
C GLN B 210 -19.39 2.33 -17.09
N ASP B 211 -18.50 3.06 -17.78
CA ASP B 211 -17.17 2.52 -18.09
C ASP B 211 -16.33 2.28 -16.84
N LEU B 212 -16.39 3.20 -15.85
CA LEU B 212 -15.63 2.98 -14.60
C LEU B 212 -16.25 1.83 -13.78
N THR B 213 -17.60 1.66 -13.87
CA THR B 213 -18.24 0.53 -13.19
C THR B 213 -17.75 -0.79 -13.78
N THR B 214 -17.66 -0.85 -15.14
CA THR B 214 -17.13 -2.04 -15.79
C THR B 214 -15.65 -2.28 -15.38
N ALA B 215 -14.83 -1.21 -15.40
CA ALA B 215 -13.40 -1.34 -15.02
C ALA B 215 -13.23 -1.85 -13.60
N LEU B 216 -14.06 -1.34 -12.66
CA LEU B 216 -13.95 -1.76 -11.26
C LEU B 216 -14.24 -3.28 -11.15
N GLY B 217 -15.26 -3.74 -11.89
CA GLY B 217 -15.59 -5.17 -11.89
C GLY B 217 -14.45 -6.01 -12.46
N LEU B 218 -13.81 -5.53 -13.55
CA LEU B 218 -12.70 -6.28 -14.16
C LEU B 218 -11.50 -6.36 -13.18
N VAL B 219 -11.21 -5.24 -12.49
CA VAL B 219 -10.09 -5.23 -11.53
C VAL B 219 -10.37 -6.22 -10.40
N LYS B 220 -11.61 -6.24 -9.89
CA LYS B 220 -11.93 -7.19 -8.79
C LYS B 220 -11.84 -8.64 -9.29
N GLU B 221 -12.25 -8.91 -10.55
CA GLU B 221 -12.15 -10.27 -11.11
CA GLU B 221 -12.15 -10.28 -11.09
C GLU B 221 -10.67 -10.69 -11.17
N LEU B 222 -9.79 -9.76 -11.63
CA LEU B 222 -8.34 -10.05 -11.73
C LEU B 222 -7.81 -10.39 -10.31
N LEU B 223 -8.16 -9.56 -9.33
CA LEU B 223 -7.65 -9.78 -7.96
C LEU B 223 -8.11 -11.12 -7.39
N SER B 224 -9.38 -11.48 -7.64
CA SER B 224 -9.88 -12.76 -7.14
CA SER B 224 -9.90 -12.75 -7.15
C SER B 224 -9.14 -13.93 -7.80
N ASN B 225 -8.83 -13.82 -9.11
CA ASN B 225 -8.10 -14.88 -9.81
C ASN B 225 -6.68 -14.99 -9.29
N VAL B 226 -5.99 -13.85 -9.09
CA VAL B 226 -4.62 -13.86 -8.56
C VAL B 226 -4.63 -14.49 -7.15
N ASP B 227 -5.56 -14.02 -6.27
CA ASP B 227 -5.62 -14.52 -4.89
C ASP B 227 -5.84 -16.04 -4.85
N GLU B 228 -6.71 -16.57 -5.76
CA GLU B 228 -6.95 -18.02 -5.79
C GLU B 228 -5.74 -18.79 -6.39
N GLY B 229 -4.88 -18.12 -7.14
CA GLY B 229 -3.74 -18.79 -7.78
C GLY B 229 -2.44 -18.75 -7.01
N ILE B 230 -2.47 -18.29 -5.75
CA ILE B 230 -1.25 -18.17 -4.95
C ILE B 230 -1.04 -19.35 -4.00
N TYR B 231 0.19 -19.87 -3.95
CA TYR B 231 0.60 -20.90 -2.99
C TYR B 231 2.09 -20.61 -2.76
N GLN B 232 2.49 -20.24 -1.52
CA GLN B 232 3.89 -19.87 -1.30
C GLN B 232 4.85 -21.00 -1.54
N LEU B 233 5.85 -20.72 -2.37
CA LEU B 233 6.93 -21.64 -2.63
C LEU B 233 7.91 -21.54 -1.47
N GLU B 234 8.50 -22.67 -1.12
CA GLU B 234 9.46 -22.70 -0.02
C GLU B 234 10.67 -23.47 -0.49
N LYS B 235 11.87 -22.89 -0.33
CA LYS B 235 13.10 -23.59 -0.72
C LYS B 235 13.26 -24.85 0.14
N GLY B 236 13.54 -25.97 -0.52
CA GLY B 236 13.70 -27.23 0.19
C GLY B 236 12.41 -27.88 0.66
N ALA B 237 11.23 -27.38 0.19
CA ALA B 237 9.96 -28.00 0.59
C ALA B 237 9.87 -29.37 -0.07
N ARG B 238 9.41 -30.36 0.69
CA ARG B 238 9.31 -31.70 0.15
C ARG B 238 7.96 -31.90 -0.51
N LEU B 239 7.91 -32.78 -1.51
CA LEU B 239 6.67 -33.11 -2.21
CA LEU B 239 6.66 -33.07 -2.19
C LEU B 239 5.55 -33.50 -1.23
N GLN B 240 5.90 -34.31 -0.21
CA GLN B 240 4.90 -34.74 0.77
C GLN B 240 4.25 -33.54 1.48
N GLU B 241 5.05 -32.49 1.82
CA GLU B 241 4.50 -31.27 2.43
C GLU B 241 3.55 -30.55 1.47
N ILE B 242 3.85 -30.58 0.18
CA ILE B 242 3.03 -29.95 -0.85
C ILE B 242 1.71 -30.68 -1.06
N TYR B 243 1.73 -32.02 -1.32
CA TYR B 243 0.47 -32.73 -1.57
C TYR B 243 -0.36 -32.92 -0.30
N ASN B 244 0.19 -32.65 0.90
CA ASN B 244 -0.62 -32.69 2.13
C ASN B 244 -1.07 -31.25 2.52
N ARG B 245 -1.18 -30.32 1.53
CA ARG B 245 -1.63 -28.96 1.77
C ARG B 245 -3.07 -28.99 2.25
C4 WJ7 C . 3.97 -17.14 7.30
C5 WJ7 C . 4.23 -15.98 7.99
C6 WJ7 C . 3.86 -14.77 7.45
C7 WJ7 C . 3.22 -14.72 6.21
C8 WJ7 C . 2.97 -15.89 5.50
N WJ7 C . 4.00 -18.99 4.38
C WJ7 C . 5.23 -18.30 4.05
O WJ7 C . 2.09 -19.02 5.62
C1 WJ7 C . 3.70 -20.26 3.74
C2 WJ7 C . 3.08 -18.43 5.34
C3 WJ7 C . 3.37 -17.10 6.04
F WJ7 C . 4.10 -13.66 8.21
BR WJ7 C . 2.10 -15.90 3.75
S DMS D . -7.70 4.58 27.25
O DMS D . -8.57 3.68 28.13
C1 DMS D . -6.58 5.49 28.35
C2 DMS D . -8.76 5.95 26.71
C FMT E . -8.14 -2.76 32.67
O1 FMT E . -7.06 -2.24 32.93
O2 FMT E . -9.03 -2.20 31.85
C FMT F . 10.00 8.75 5.08
O1 FMT F . 9.83 7.60 4.66
O2 FMT F . 10.22 9.84 4.27
C FMT G . 8.18 -11.10 17.70
O1 FMT G . 8.46 -11.87 16.78
O2 FMT G . 8.99 -10.78 18.74
C FMT H . -10.85 -10.26 8.13
O1 FMT H . -12.00 -10.42 8.54
O2 FMT H . -9.75 -10.63 8.82
C FMT I . 3.68 -19.02 10.23
O1 FMT I . 2.57 -19.55 10.20
O2 FMT I . 4.03 -18.00 11.07
C FMT J . 0.04 -20.83 7.00
O1 FMT J . 0.93 -20.27 7.62
O2 FMT J . -1.28 -20.74 7.29
S DMS K . -7.16 21.00 -25.39
O DMS K . -6.77 19.53 -25.45
C1 DMS K . -7.92 21.32 -23.76
C2 DMS K . -8.68 21.24 -26.41
S DMS L . -17.79 14.18 -13.50
O DMS L . -19.12 14.08 -12.77
C1 DMS L . -16.96 15.55 -12.67
C2 DMS L . -18.11 14.96 -15.10
S DMS M . 29.00 -10.85 7.30
O DMS M . 27.78 -10.47 6.49
C1 DMS M . 29.09 -12.65 7.46
C2 DMS M . 28.61 -10.53 9.05
S DMS N . -13.81 24.81 -7.13
O DMS N . -12.64 25.06 -8.05
C1 DMS N . -15.04 26.10 -7.46
C2 DMS N . -13.36 25.41 -5.48
C FMT O . -16.68 13.87 -22.05
O1 FMT O . -16.46 13.14 -22.98
O2 FMT O . -16.90 13.43 -20.78
C FMT P . -9.75 12.39 -22.11
O1 FMT P . -9.61 11.49 -21.34
O2 FMT P . -10.30 13.55 -21.77
C FMT Q . -11.19 9.52 1.18
O1 FMT Q . -11.60 8.58 0.48
O2 FMT Q . -9.92 9.63 1.65
C FMT R . -14.08 -1.42 -3.77
O1 FMT R . -15.21 -1.12 -4.15
O2 FMT R . -13.12 -0.53 -3.40
C FMT S . 5.96 -14.68 -15.06
O1 FMT S . 4.88 -15.22 -15.28
O2 FMT S . 6.26 -13.43 -15.43
C FMT T . -15.13 -5.58 -21.17
O1 FMT T . -15.63 -6.28 -20.28
O2 FMT T . -13.97 -5.87 -21.84
C FMT U . 10.93 -23.93 -5.80
O1 FMT U . 11.36 -22.80 -5.69
O2 FMT U . 9.86 -24.37 -5.18
C FMT V . -18.01 18.04 -20.70
O1 FMT V . -18.91 18.21 -19.88
O2 FMT V . -16.86 18.75 -20.74
C FMT W . 8.30 -14.66 4.57
O1 FMT W . 9.48 -14.93 4.39
O2 FMT W . 7.42 -15.46 5.24
#